data_3KE1
#
_entry.id   3KE1
#
_cell.length_a   117.083
_cell.length_b   66.964
_cell.length_c   59.166
_cell.angle_alpha   90.000
_cell.angle_beta   95.420
_cell.angle_gamma   90.000
#
_symmetry.space_group_name_H-M   'C 1 2 1'
#
loop_
_entity.id
_entity.type
_entity.pdbx_description
1 polymer '2-C-methyl-D-erythritol 2,4-cyclodiphosphate synthase'
2 non-polymer 'ZINC ION'
3 non-polymer "5'-deoxy-5'-[(pyridin-4-ylcarbonyl)amino]cytidine"
4 non-polymer 'POTASSIUM ION'
5 water water
#
_entity_poly.entity_id   1
_entity_poly.type   'polypeptide(L)'
_entity_poly.pdbx_seq_one_letter_code
;MAHHHHHHMGTLEAQTQGPGSMDFRIGQGYDVHQLVPGRPLIIGGVTIPYERGLLGHSDADVLLHAITDALFGAAALGDI
GRHFSDTDPRFKGADSRALLRECASRVAQAGFAIRNVDSTIIAQAPKLAPHIDAMRANIAADLDLPLDRVNVKAKTNEKL
GYLGRGEGIEAQAAALVVREAAA
;
_entity_poly.pdbx_strand_id   A,B,C
#
loop_
_chem_comp.id
_chem_comp.type
_chem_comp.name
_chem_comp.formula
829 non-polymer 5'-deoxy-5'-[(pyridin-4-ylcarbonyl)amino]cytidine 'C15 H17 N5 O5'
K non-polymer 'POTASSIUM ION' 'K 1'
ZN non-polymer 'ZINC ION' 'Zn 2'
#
# COMPACT_ATOMS: atom_id res chain seq x y z
N MET A 22 -16.18 -5.60 -17.02
CA MET A 22 -15.96 -6.77 -16.12
C MET A 22 -14.48 -7.06 -15.78
N ASP A 23 -13.56 -6.75 -16.69
CA ASP A 23 -12.15 -7.15 -16.50
C ASP A 23 -11.33 -6.14 -15.70
N PHE A 24 -11.58 -6.12 -14.38
CA PHE A 24 -11.01 -5.07 -13.52
C PHE A 24 -9.63 -5.50 -13.06
N ARG A 25 -8.75 -4.54 -12.78
CA ARG A 25 -7.39 -4.84 -12.31
C ARG A 25 -7.00 -3.77 -11.35
N ILE A 26 -6.21 -4.13 -10.34
CA ILE A 26 -5.71 -3.13 -9.41
C ILE A 26 -4.18 -2.99 -9.49
N GLY A 27 -3.69 -1.79 -9.17
CA GLY A 27 -2.25 -1.59 -9.09
C GLY A 27 -1.92 -0.77 -7.86
N GLN A 28 -0.66 -0.85 -7.40
CA GLN A 28 -0.20 -0.10 -6.26
C GLN A 28 1.17 0.47 -6.57
N GLY A 29 1.51 1.57 -5.92
CA GLY A 29 2.72 2.30 -6.27
C GLY A 29 3.30 2.92 -5.00
N TYR A 30 4.62 2.96 -4.95
CA TYR A 30 5.37 3.51 -3.85
C TYR A 30 6.48 4.35 -4.44
N ASP A 31 6.77 5.48 -3.82
CA ASP A 31 7.91 6.28 -4.23
C ASP A 31 8.38 7.10 -3.02
N VAL A 32 9.70 7.34 -2.93
CA VAL A 32 10.27 8.24 -1.92
C VAL A 32 11.42 9.00 -2.55
N HIS A 33 11.57 10.27 -2.15
CA HIS A 33 12.69 11.10 -2.56
C HIS A 33 13.24 11.90 -1.37
N GLN A 34 14.54 12.18 -1.42
CA GLN A 34 15.17 13.01 -0.41
C GLN A 34 14.77 14.46 -0.60
N LEU A 35 14.67 15.18 0.52
CA LEU A 35 14.37 16.60 0.51
C LEU A 35 15.69 17.36 0.67
N VAL A 36 16.09 18.14 -0.34
CA VAL A 36 17.35 18.89 -0.32
C VAL A 36 17.12 20.38 -0.59
N PRO A 37 18.06 21.24 -0.13
CA PRO A 37 17.90 22.65 -0.42
C PRO A 37 18.33 23.00 -1.85
N GLY A 38 17.79 24.09 -2.39
CA GLY A 38 18.17 24.54 -3.73
C GLY A 38 17.40 23.89 -4.87
N ARG A 39 16.52 22.95 -4.54
CA ARG A 39 15.57 22.39 -5.51
C ARG A 39 14.18 22.95 -5.18
N PRO A 40 13.40 23.27 -6.22
CA PRO A 40 12.02 23.69 -5.90
C PRO A 40 11.18 22.47 -5.48
N LEU A 41 10.15 22.67 -4.68
CA LEU A 41 9.29 21.57 -4.22
C LEU A 41 8.07 21.34 -5.14
N ILE A 42 8.02 20.16 -5.77
CA ILE A 42 6.98 19.84 -6.75
C ILE A 42 6.37 18.49 -6.37
N ILE A 43 5.11 18.50 -5.96
CA ILE A 43 4.38 17.27 -5.64
C ILE A 43 3.02 17.40 -6.31
N GLY A 44 2.64 16.37 -7.08
CA GLY A 44 1.35 16.36 -7.75
C GLY A 44 1.27 17.44 -8.82
N GLY A 45 2.43 17.82 -9.35
CA GLY A 45 2.54 18.87 -10.36
C GLY A 45 2.41 20.27 -9.78
N VAL A 46 2.19 20.37 -8.46
CA VAL A 46 2.07 21.66 -7.77
C VAL A 46 3.44 22.16 -7.20
N THR A 47 3.87 23.35 -7.59
CA THR A 47 5.09 23.93 -7.05
C THR A 47 4.69 24.53 -5.71
N ILE A 48 5.22 23.97 -4.63
CA ILE A 48 4.86 24.45 -3.28
C ILE A 48 5.97 25.30 -2.71
N PRO A 49 5.66 26.55 -2.32
CA PRO A 49 6.63 27.43 -1.65
C PRO A 49 7.25 26.76 -0.43
N TYR A 50 8.57 26.70 -0.42
CA TYR A 50 9.32 25.93 0.55
C TYR A 50 10.78 26.06 0.23
N GLU A 51 11.60 26.04 1.29
CA GLU A 51 13.05 26.27 1.22
C GLU A 51 13.86 25.04 0.73
N ARG A 52 13.19 23.92 0.51
CA ARG A 52 13.83 22.72 0.02
C ARG A 52 12.93 22.09 -1.05
N GLY A 53 13.49 21.16 -1.83
CA GLY A 53 12.69 20.37 -2.78
C GLY A 53 13.20 18.95 -2.93
N LEU A 54 12.53 18.16 -3.76
CA LEU A 54 12.86 16.74 -3.88
C LEU A 54 14.01 16.49 -4.88
N LEU A 55 14.90 15.56 -4.53
CA LEU A 55 16.05 15.22 -5.37
C LEU A 55 15.75 14.00 -6.24
N GLY A 56 15.98 14.12 -7.55
CA GLY A 56 15.82 12.98 -8.48
C GLY A 56 16.36 13.36 -9.86
N HIS A 57 16.48 12.38 -10.76
CA HIS A 57 16.95 12.65 -12.14
C HIS A 57 15.94 13.54 -12.92
N SER A 58 14.64 13.31 -12.66
CA SER A 58 13.56 14.14 -13.22
C SER A 58 13.26 15.34 -12.32
N ASP A 59 11.99 15.77 -12.27
CA ASP A 59 11.60 16.81 -11.32
C ASP A 59 11.34 16.17 -9.95
N ALA A 60 11.46 14.84 -9.88
CA ALA A 60 11.32 14.05 -8.66
C ALA A 60 9.95 14.17 -8.00
N ASP A 61 8.91 14.30 -8.82
CA ASP A 61 7.58 14.42 -8.26
C ASP A 61 7.14 13.10 -7.64
N VAL A 62 7.32 12.98 -6.33
CA VAL A 62 7.14 11.71 -5.67
C VAL A 62 5.71 11.17 -5.82
N LEU A 63 4.71 12.05 -5.78
CA LEU A 63 3.34 11.62 -5.88
C LEU A 63 3.02 11.12 -7.29
N LEU A 64 3.41 11.87 -8.32
CA LEU A 64 3.15 11.42 -9.71
C LEU A 64 3.87 10.12 -10.03
N HIS A 65 5.09 9.96 -9.52
CA HIS A 65 5.82 8.69 -9.71
C HIS A 65 5.10 7.47 -9.13
N ALA A 66 4.64 7.58 -7.88
CA ALA A 66 3.86 6.51 -7.26
C ALA A 66 2.59 6.19 -8.05
N ILE A 67 1.87 7.23 -8.45
CA ILE A 67 0.66 7.02 -9.30
C ILE A 67 1.01 6.35 -10.66
N THR A 68 2.07 6.79 -11.32
CA THR A 68 2.53 6.19 -12.57
C THR A 68 2.81 4.69 -12.41
N ASP A 69 3.57 4.35 -11.35
CA ASP A 69 3.82 2.98 -11.00
C ASP A 69 2.53 2.17 -10.74
N ALA A 70 1.59 2.70 -9.96
CA ALA A 70 0.30 2.02 -9.75
C ALA A 70 -0.45 1.78 -11.09
N LEU A 71 -0.36 2.71 -12.03
CA LEU A 71 -1.04 2.52 -13.33
C LEU A 71 -0.35 1.50 -14.19
N PHE A 72 0.97 1.57 -14.29
CA PHE A 72 1.70 0.52 -15.05
C PHE A 72 1.43 -0.83 -14.40
N GLY A 73 1.37 -0.87 -13.05
CA GLY A 73 1.16 -2.14 -12.34
C GLY A 73 -0.21 -2.78 -12.57
N ALA A 74 -1.26 -1.95 -12.51
CA ALA A 74 -2.62 -2.34 -12.83
C ALA A 74 -2.71 -3.01 -14.22
N ALA A 75 -2.00 -2.43 -15.18
CA ALA A 75 -2.03 -2.90 -16.57
C ALA A 75 -0.95 -3.97 -16.82
N ALA A 76 -0.19 -4.34 -15.78
CA ALA A 76 0.89 -5.32 -15.90
C ALA A 76 1.85 -4.91 -17.00
N LEU A 77 2.21 -3.63 -17.00
CA LEU A 77 3.17 -3.08 -17.96
C LEU A 77 4.54 -2.81 -17.31
N GLY A 78 4.79 -3.44 -16.16
CA GLY A 78 6.09 -3.30 -15.50
C GLY A 78 6.09 -2.08 -14.60
N ASP A 79 7.09 -1.21 -14.77
CA ASP A 79 7.27 -0.09 -13.83
C ASP A 79 7.85 1.13 -14.52
N ILE A 80 7.99 2.21 -13.77
CA ILE A 80 8.34 3.51 -14.36
C ILE A 80 9.78 3.50 -14.97
N GLY A 81 10.71 2.76 -14.35
CA GLY A 81 12.09 2.67 -14.84
C GLY A 81 12.16 1.87 -16.15
N ARG A 82 11.30 0.86 -16.30
CA ARG A 82 11.21 0.17 -17.60
C ARG A 82 10.87 1.15 -18.76
N HIS A 83 9.94 2.07 -18.50
CA HIS A 83 9.36 2.92 -19.54
C HIS A 83 10.07 4.24 -19.75
N PHE A 84 10.68 4.80 -18.70
CA PHE A 84 11.16 6.20 -18.78
C PHE A 84 12.55 6.39 -18.22
N ALA A 94 13.08 15.78 -16.50
CA ALA A 94 11.82 15.28 -17.05
C ALA A 94 10.60 15.79 -16.27
N ASP A 95 9.66 16.40 -16.98
CA ASP A 95 8.41 16.83 -16.39
C ASP A 95 7.63 15.56 -16.03
N SER A 96 7.39 15.30 -14.74
CA SER A 96 6.64 14.10 -14.30
C SER A 96 5.18 14.08 -14.75
N ARG A 97 4.61 15.25 -15.02
CA ARG A 97 3.27 15.29 -15.61
C ARG A 97 3.25 14.72 -17.03
N ALA A 98 4.26 15.08 -17.82
CA ALA A 98 4.41 14.52 -19.16
C ALA A 98 4.62 13.00 -19.07
N LEU A 99 5.40 12.55 -18.09
CA LEU A 99 5.56 11.08 -17.89
C LEU A 99 4.23 10.44 -17.52
N LEU A 100 3.48 11.10 -16.61
CA LEU A 100 2.18 10.58 -16.21
C LEU A 100 1.25 10.46 -17.42
N ARG A 101 1.19 11.50 -18.25
CA ARG A 101 0.32 11.48 -19.43
C ARG A 101 0.73 10.37 -20.43
N GLU A 102 2.03 10.19 -20.62
CA GLU A 102 2.53 9.09 -21.49
C GLU A 102 2.20 7.70 -20.89
N CYS A 103 2.37 7.55 -19.57
CA CYS A 103 1.94 6.32 -18.87
C CYS A 103 0.47 6.02 -19.18
N ALA A 104 -0.37 7.05 -19.01
CA ALA A 104 -1.81 6.92 -19.24
C ALA A 104 -2.09 6.56 -20.69
N SER A 105 -1.39 7.19 -21.62
CA SER A 105 -1.51 6.87 -23.01
C SER A 105 -1.18 5.38 -23.27
N ARG A 106 -0.11 4.87 -22.67
CA ARG A 106 0.29 3.47 -22.85
C ARG A 106 -0.67 2.49 -22.17
N VAL A 107 -1.17 2.85 -20.99
CA VAL A 107 -2.24 2.10 -20.33
C VAL A 107 -3.50 2.04 -21.23
N ALA A 108 -3.89 3.18 -21.83
CA ALA A 108 -5.02 3.20 -22.77
C ALA A 108 -4.72 2.32 -23.98
N GLN A 109 -3.47 2.34 -24.45
CA GLN A 109 -3.12 1.59 -25.66
C GLN A 109 -3.15 0.07 -25.42
N ALA A 110 -2.80 -0.33 -24.21
CA ALA A 110 -2.91 -1.73 -23.75
C ALA A 110 -4.35 -2.20 -23.60
N GLY A 111 -5.30 -1.26 -23.68
CA GLY A 111 -6.73 -1.58 -23.68
C GLY A 111 -7.48 -1.33 -22.37
N PHE A 112 -6.88 -0.56 -21.45
CA PHE A 112 -7.48 -0.34 -20.15
C PHE A 112 -8.04 1.09 -20.06
N ALA A 113 -9.21 1.23 -19.44
CA ALA A 113 -9.68 2.53 -18.99
C ALA A 113 -9.39 2.65 -17.48
N ILE A 114 -8.96 3.82 -17.04
CA ILE A 114 -8.74 4.06 -15.64
C ILE A 114 -10.07 4.39 -14.95
N ARG A 115 -10.39 3.71 -13.85
CA ARG A 115 -11.64 3.97 -13.08
C ARG A 115 -11.46 4.89 -11.89
N ASN A 116 -10.38 4.71 -11.13
CA ASN A 116 -10.07 5.67 -10.05
C ASN A 116 -8.64 5.58 -9.55
N VAL A 117 -8.18 6.67 -8.94
CA VAL A 117 -6.83 6.77 -8.34
C VAL A 117 -7.01 7.31 -6.92
N ASP A 118 -6.31 6.70 -5.98
CA ASP A 118 -6.20 7.22 -4.61
C ASP A 118 -4.72 7.25 -4.24
N SER A 119 -4.37 8.03 -3.24
CA SER A 119 -2.97 8.23 -2.97
C SER A 119 -2.81 8.91 -1.65
N THR A 120 -1.61 8.80 -1.10
CA THR A 120 -1.25 9.41 0.17
C THR A 120 0.15 10.00 0.01
N ILE A 121 0.34 11.22 0.48
CA ILE A 121 1.67 11.80 0.61
C ILE A 121 2.00 11.82 2.11
N ILE A 122 3.16 11.34 2.45
CA ILE A 122 3.60 11.39 3.83
CA ILE A 122 3.63 11.35 3.82
C ILE A 122 4.78 12.36 3.94
N ALA A 123 4.54 13.45 4.67
CA ALA A 123 5.53 14.51 4.81
C ALA A 123 5.39 15.20 6.19
N GLN A 124 6.52 15.52 6.83
CA GLN A 124 6.49 16.29 8.11
C GLN A 124 6.10 17.75 7.82
N ALA A 125 6.60 18.29 6.72
CA ALA A 125 6.36 19.67 6.33
C ALA A 125 6.57 19.78 4.82
N PRO A 126 6.04 20.86 4.18
CA PRO A 126 5.17 21.87 4.77
C PRO A 126 3.73 21.36 4.81
N LYS A 127 2.83 22.21 5.28
CA LYS A 127 1.39 21.94 5.24
C LYS A 127 0.96 21.76 3.79
N LEU A 128 0.44 20.57 3.48
CA LEU A 128 0.06 20.22 2.12
C LEU A 128 -1.42 20.48 1.84
N ALA A 129 -2.23 20.58 2.90
CA ALA A 129 -3.69 20.77 2.74
C ALA A 129 -4.12 21.87 1.74
N PRO A 130 -3.51 23.07 1.81
CA PRO A 130 -3.88 24.12 0.84
C PRO A 130 -3.60 23.79 -0.63
N HIS A 131 -2.80 22.75 -0.87
CA HIS A 131 -2.36 22.40 -2.22
C HIS A 131 -2.98 21.12 -2.76
N ILE A 132 -3.69 20.40 -1.91
CA ILE A 132 -4.24 19.07 -2.27
C ILE A 132 -5.20 19.11 -3.45
N ASP A 133 -6.17 20.03 -3.44
CA ASP A 133 -7.17 20.11 -4.51
C ASP A 133 -6.50 20.37 -5.87
N ALA A 134 -5.45 21.19 -5.88
CA ALA A 134 -4.66 21.46 -7.09
C ALA A 134 -3.93 20.20 -7.61
N MET A 135 -3.37 19.41 -6.71
CA MET A 135 -2.75 18.13 -7.11
C MET A 135 -3.80 17.26 -7.75
N ARG A 136 -4.92 17.14 -7.06
CA ARG A 136 -6.02 16.31 -7.51
C ARG A 136 -6.41 16.67 -8.94
N ALA A 137 -6.48 17.99 -9.17
CA ALA A 137 -6.86 18.56 -10.46
C ALA A 137 -5.87 18.28 -11.58
N ASN A 138 -4.56 18.36 -11.30
CA ASN A 138 -3.50 18.05 -12.25
C ASN A 138 -3.58 16.57 -12.69
N ILE A 139 -3.75 15.69 -11.71
CA ILE A 139 -3.82 14.25 -11.95
C ILE A 139 -5.08 13.94 -12.77
N ALA A 140 -6.22 14.53 -12.41
CA ALA A 140 -7.44 14.36 -13.19
C ALA A 140 -7.22 14.75 -14.66
N ALA A 141 -6.59 15.90 -14.85
CA ALA A 141 -6.29 16.41 -16.18
C ALA A 141 -5.41 15.41 -16.93
N ASP A 142 -4.32 14.96 -16.31
CA ASP A 142 -3.37 14.07 -16.97
C ASP A 142 -3.94 12.70 -17.28
N LEU A 143 -4.85 12.25 -16.42
CA LEU A 143 -5.49 10.97 -16.60
C LEU A 143 -6.81 11.08 -17.40
N ASP A 144 -7.25 12.31 -17.67
CA ASP A 144 -8.54 12.52 -18.34
C ASP A 144 -9.67 11.86 -17.53
N LEU A 145 -9.70 12.17 -16.23
CA LEU A 145 -10.75 11.68 -15.34
C LEU A 145 -11.46 12.87 -14.77
N PRO A 146 -12.74 12.71 -14.38
CA PRO A 146 -13.32 13.79 -13.59
C PRO A 146 -12.68 13.81 -12.20
N LEU A 147 -12.74 14.96 -11.55
CA LEU A 147 -12.24 15.15 -10.20
C LEU A 147 -12.70 14.09 -9.20
N ASP A 148 -13.96 13.65 -9.33
CA ASP A 148 -14.54 12.69 -8.38
C ASP A 148 -14.01 11.26 -8.51
N ARG A 149 -13.04 11.02 -9.40
CA ARG A 149 -12.41 9.70 -9.46
C ARG A 149 -10.93 9.80 -9.13
N VAL A 150 -10.52 10.93 -8.54
CA VAL A 150 -9.13 11.11 -8.12
C VAL A 150 -9.09 11.61 -6.71
N ASN A 151 -8.21 11.00 -5.90
CA ASN A 151 -8.10 11.44 -4.52
C ASN A 151 -6.65 11.51 -4.09
N VAL A 152 -6.31 12.57 -3.35
CA VAL A 152 -5.01 12.74 -2.74
C VAL A 152 -5.16 13.03 -1.26
N LYS A 153 -4.42 12.27 -0.44
CA LYS A 153 -4.48 12.42 1.03
C LYS A 153 -3.09 12.78 1.53
N ALA A 154 -3.01 13.42 2.68
CA ALA A 154 -1.74 13.81 3.22
C ALA A 154 -1.64 13.34 4.67
N LYS A 155 -0.49 12.81 5.07
CA LYS A 155 -0.26 12.31 6.43
C LYS A 155 1.07 12.84 6.89
N THR A 156 1.21 13.19 8.17
CA THR A 156 2.54 13.28 8.76
C THR A 156 2.95 11.84 9.07
N ASN A 157 4.20 11.67 9.47
CA ASN A 157 4.67 10.37 9.97
C ASN A 157 4.76 10.35 11.48
N GLU A 158 4.01 11.24 12.13
CA GLU A 158 4.02 11.40 13.58
C GLU A 158 5.42 11.44 14.19
N LYS A 159 6.32 12.15 13.53
CA LYS A 159 7.66 12.44 14.07
C LYS A 159 8.62 11.25 14.09
N LEU A 160 8.24 10.14 13.47
CA LEU A 160 9.04 8.92 13.45
C LEU A 160 9.90 8.74 12.18
N GLY A 161 11.11 8.17 12.37
CA GLY A 161 12.04 7.86 11.27
C GLY A 161 12.45 9.04 10.39
N TYR A 162 13.05 8.73 9.23
CA TYR A 162 13.62 9.76 8.36
C TYR A 162 12.53 10.67 7.80
N LEU A 163 11.32 10.13 7.64
CA LEU A 163 10.17 10.95 7.22
C LEU A 163 9.83 11.96 8.32
N GLY A 164 9.80 11.47 9.55
CA GLY A 164 9.56 12.30 10.72
C GLY A 164 10.62 13.35 10.92
N ARG A 165 11.86 13.06 10.49
CA ARG A 165 12.96 14.03 10.59
C ARG A 165 12.99 14.96 9.40
N GLY A 166 12.02 14.80 8.50
CA GLY A 166 11.99 15.60 7.29
C GLY A 166 13.17 15.35 6.34
N GLU A 167 13.68 14.12 6.30
CA GLU A 167 14.76 13.76 5.37
C GLU A 167 14.27 13.49 3.94
N GLY A 168 13.01 13.07 3.81
CA GLY A 168 12.41 12.85 2.52
C GLY A 168 10.90 12.92 2.61
N ILE A 169 10.26 12.69 1.47
CA ILE A 169 8.82 12.64 1.38
C ILE A 169 8.46 11.39 0.61
N GLU A 170 7.46 10.67 1.10
CA GLU A 170 7.03 9.40 0.49
C GLU A 170 5.66 9.59 -0.15
N ALA A 171 5.36 8.87 -1.24
CA ALA A 171 3.98 8.81 -1.70
C ALA A 171 3.61 7.34 -1.90
N GLN A 172 2.32 7.05 -1.77
CA GLN A 172 1.76 5.70 -1.98
C GLN A 172 0.57 5.91 -2.89
N ALA A 173 0.27 4.95 -3.74
CA ALA A 173 -0.87 5.08 -4.65
C ALA A 173 -1.54 3.76 -4.93
N ALA A 174 -2.82 3.85 -5.27
CA ALA A 174 -3.59 2.72 -5.73
C ALA A 174 -4.42 3.17 -6.94
N ALA A 175 -4.56 2.27 -7.91
CA ALA A 175 -5.35 2.53 -9.10
C ALA A 175 -6.20 1.31 -9.40
N LEU A 176 -7.43 1.58 -9.81
CA LEU A 176 -8.27 0.56 -10.38
C LEU A 176 -8.47 0.90 -11.86
N VAL A 177 -8.31 -0.11 -12.72
CA VAL A 177 -8.55 0.03 -14.16
C VAL A 177 -9.45 -1.12 -14.64
N VAL A 178 -9.93 -1.03 -15.87
CA VAL A 178 -10.71 -2.11 -16.42
C VAL A 178 -10.31 -2.26 -17.89
N ARG A 179 -10.15 -3.51 -18.32
CA ARG A 179 -9.82 -3.77 -19.72
C ARG A 179 -11.05 -3.70 -20.59
N GLU A 180 -11.10 -2.66 -21.45
CA GLU A 180 -12.15 -2.57 -22.48
C GLU A 180 -11.86 -3.60 -23.58
N MET B 22 -19.02 -8.98 -10.84
CA MET B 22 -19.79 -9.41 -9.63
C MET B 22 -19.16 -8.98 -8.26
N ASP B 23 -18.77 -9.97 -7.46
CA ASP B 23 -18.43 -9.81 -6.06
C ASP B 23 -16.89 -9.67 -5.90
N PHE B 24 -16.37 -8.49 -6.26
CA PHE B 24 -14.94 -8.22 -6.22
C PHE B 24 -14.47 -7.91 -4.81
N ARG B 25 -13.23 -8.28 -4.51
CA ARG B 25 -12.60 -7.94 -3.22
C ARG B 25 -11.14 -7.62 -3.44
N ILE B 26 -10.62 -6.73 -2.60
CA ILE B 26 -9.20 -6.39 -2.64
C ILE B 26 -8.41 -6.80 -1.38
N GLY B 27 -7.16 -7.20 -1.59
CA GLY B 27 -6.24 -7.46 -0.49
C GLY B 27 -4.93 -6.69 -0.69
N GLN B 28 -4.24 -6.45 0.42
CA GLN B 28 -2.96 -5.79 0.35
C GLN B 28 -2.05 -6.59 1.26
N GLY B 29 -0.75 -6.54 0.98
CA GLY B 29 0.24 -7.30 1.71
C GLY B 29 1.52 -6.51 1.85
N TYR B 30 2.19 -6.74 2.98
CA TYR B 30 3.42 -6.08 3.28
C TYR B 30 4.34 -7.14 3.82
N ASP B 31 5.62 -7.02 3.49
CA ASP B 31 6.61 -7.87 4.15
C ASP B 31 7.98 -7.23 4.10
N VAL B 32 8.80 -7.51 5.10
CA VAL B 32 10.18 -7.02 5.14
C VAL B 32 11.08 -8.08 5.76
N HIS B 33 12.30 -8.20 5.26
CA HIS B 33 13.32 -9.07 5.87
C HIS B 33 14.69 -8.38 5.91
N GLN B 34 15.52 -8.73 6.90
CA GLN B 34 16.91 -8.23 7.00
C GLN B 34 17.81 -8.80 5.90
N LEU B 35 18.71 -7.96 5.39
CA LEU B 35 19.67 -8.37 4.38
C LEU B 35 21.02 -8.55 5.06
N VAL B 36 21.51 -9.79 5.11
CA VAL B 36 22.82 -10.11 5.72
C VAL B 36 23.64 -11.04 4.82
N PRO B 37 24.99 -11.02 4.94
CA PRO B 37 25.78 -12.07 4.28
C PRO B 37 25.49 -13.44 4.91
N GLY B 38 25.73 -14.51 4.15
CA GLY B 38 25.56 -15.88 4.67
C GLY B 38 24.22 -16.52 4.33
N ARG B 39 23.34 -15.72 3.69
CA ARG B 39 22.06 -16.19 3.15
C ARG B 39 21.98 -15.88 1.67
N PRO B 40 21.35 -16.78 0.89
CA PRO B 40 21.20 -16.48 -0.53
C PRO B 40 20.02 -15.54 -0.71
N LEU B 41 20.05 -14.74 -1.76
CA LEU B 41 18.96 -13.80 -2.04
C LEU B 41 17.90 -14.45 -2.94
N ILE B 42 16.73 -14.68 -2.36
CA ILE B 42 15.63 -15.32 -3.05
C ILE B 42 14.41 -14.41 -2.98
N ILE B 43 14.03 -13.89 -4.14
CA ILE B 43 12.88 -13.00 -4.25
C ILE B 43 12.03 -13.51 -5.41
N GLY B 44 10.71 -13.67 -5.20
CA GLY B 44 9.82 -14.16 -6.26
C GLY B 44 10.15 -15.55 -6.77
N GLY B 45 10.76 -16.35 -5.89
CA GLY B 45 11.24 -17.67 -6.25
C GLY B 45 12.56 -17.70 -7.02
N VAL B 46 13.18 -16.53 -7.20
CA VAL B 46 14.42 -16.44 -7.98
C VAL B 46 15.65 -16.29 -7.08
N THR B 47 16.64 -17.13 -7.29
CA THR B 47 17.91 -17.00 -6.60
C THR B 47 18.77 -15.97 -7.34
N ILE B 48 19.05 -14.85 -6.68
CA ILE B 48 19.78 -13.74 -7.27
C ILE B 48 21.20 -13.69 -6.67
N PRO B 49 22.25 -13.74 -7.53
CA PRO B 49 23.61 -13.72 -6.99
C PRO B 49 23.92 -12.36 -6.38
N TYR B 50 24.35 -12.36 -5.12
CA TYR B 50 24.59 -11.13 -4.37
C TYR B 50 25.40 -11.45 -3.13
N GLU B 51 26.22 -10.51 -2.66
CA GLU B 51 27.08 -10.74 -1.49
C GLU B 51 26.25 -11.09 -0.24
N ARG B 52 24.97 -10.70 -0.27
CA ARG B 52 24.07 -10.84 0.89
C ARG B 52 22.68 -11.42 0.53
N GLY B 53 21.92 -11.81 1.54
CA GLY B 53 20.59 -12.43 1.34
C GLY B 53 19.67 -12.21 2.52
N LEU B 54 18.43 -12.69 2.42
CA LEU B 54 17.37 -12.34 3.37
C LEU B 54 17.21 -13.35 4.51
N LEU B 55 17.14 -12.82 5.74
CA LEU B 55 16.97 -13.65 6.95
C LEU B 55 15.50 -13.85 7.35
N GLY B 56 15.14 -15.12 7.57
CA GLY B 56 13.77 -15.52 7.92
C GLY B 56 13.70 -16.87 8.63
N ASP B 59 13.32 -19.77 3.76
CA ASP B 59 13.82 -19.17 2.51
C ASP B 59 13.63 -17.65 2.42
N ALA B 60 12.88 -17.09 3.36
CA ALA B 60 12.72 -15.62 3.52
C ALA B 60 12.31 -14.80 2.28
N ASP B 61 11.42 -15.36 1.45
CA ASP B 61 11.03 -14.73 0.20
C ASP B 61 10.04 -13.58 0.42
N VAL B 62 10.60 -12.39 0.52
CA VAL B 62 9.83 -11.20 0.89
C VAL B 62 8.67 -10.94 -0.08
N LEU B 63 8.92 -11.09 -1.39
CA LEU B 63 7.88 -10.85 -2.41
C LEU B 63 6.70 -11.82 -2.32
N LEU B 64 7.00 -13.12 -2.29
CA LEU B 64 5.96 -14.14 -2.22
C LEU B 64 5.15 -14.03 -0.93
N HIS B 65 5.83 -13.75 0.19
CA HIS B 65 5.10 -13.53 1.47
C HIS B 65 4.07 -12.42 1.35
N ALA B 66 4.48 -11.29 0.79
CA ALA B 66 3.58 -10.15 0.67
C ALA B 66 2.35 -10.48 -0.23
N ILE B 67 2.63 -11.13 -1.35
CA ILE B 67 1.56 -11.56 -2.27
C ILE B 67 0.60 -12.56 -1.59
N THR B 68 1.18 -13.53 -0.87
CA THR B 68 0.39 -14.47 -0.05
C THR B 68 -0.51 -13.72 0.95
N ASP B 69 0.07 -12.76 1.67
CA ASP B 69 -0.71 -11.93 2.55
C ASP B 69 -1.83 -11.18 1.82
N ALA B 70 -1.54 -10.67 0.64
CA ALA B 70 -2.54 -9.92 -0.12
C ALA B 70 -3.70 -10.78 -0.58
N LEU B 71 -3.42 -12.04 -0.94
CA LEU B 71 -4.45 -13.01 -1.34
C LEU B 71 -5.35 -13.51 -0.19
N PHE B 72 -4.75 -13.89 0.94
CA PHE B 72 -5.54 -14.16 2.14
C PHE B 72 -6.39 -12.97 2.52
N GLY B 73 -5.82 -11.77 2.42
CA GLY B 73 -6.52 -10.54 2.76
C GLY B 73 -7.77 -10.30 1.92
N ALA B 74 -7.63 -10.46 0.59
CA ALA B 74 -8.78 -10.31 -0.31
C ALA B 74 -9.92 -11.31 -0.04
N ALA B 75 -9.52 -12.54 0.33
CA ALA B 75 -10.44 -13.62 0.65
C ALA B 75 -10.96 -13.56 2.12
N ALA B 76 -10.50 -12.56 2.88
CA ALA B 76 -10.77 -12.41 4.30
C ALA B 76 -10.48 -13.70 5.12
N LEU B 77 -9.31 -14.28 4.86
CA LEU B 77 -8.89 -15.54 5.48
C LEU B 77 -7.77 -15.41 6.52
N GLY B 78 -7.58 -14.20 7.05
CA GLY B 78 -6.54 -13.95 8.06
C GLY B 78 -5.24 -13.51 7.38
N ASP B 79 -4.16 -14.17 7.75
CA ASP B 79 -2.83 -13.83 7.22
C ASP B 79 -1.97 -15.10 7.14
N ILE B 80 -0.77 -14.94 6.61
CA ILE B 80 0.15 -16.04 6.34
C ILE B 80 0.51 -16.84 7.61
N GLY B 81 0.75 -16.15 8.73
CA GLY B 81 1.04 -16.81 10.02
C GLY B 81 -0.07 -17.67 10.61
N ARG B 82 -1.30 -17.34 10.29
CA ARG B 82 -2.44 -18.04 10.84
C ARG B 82 -2.70 -19.35 10.11
N HIS B 83 -2.36 -19.34 8.85
CA HIS B 83 -2.47 -20.54 8.01
C HIS B 83 -1.27 -21.45 8.12
N PHE B 84 -0.09 -20.85 8.27
CA PHE B 84 1.16 -21.60 8.15
C PHE B 84 2.05 -21.48 9.39
N ALA B 94 8.74 -26.37 4.05
CA ALA B 94 8.02 -25.77 2.91
C ALA B 94 8.63 -24.45 2.47
N ASP B 95 8.94 -24.34 1.18
CA ASP B 95 9.40 -23.08 0.61
C ASP B 95 8.23 -22.16 0.28
N SER B 96 8.52 -20.88 0.11
CA SER B 96 7.49 -19.85 -0.07
C SER B 96 6.59 -20.05 -1.30
N ARG B 97 7.07 -20.78 -2.30
CA ARG B 97 6.26 -21.09 -3.48
C ARG B 97 5.16 -22.13 -3.21
N ALA B 98 5.48 -23.19 -2.45
CA ALA B 98 4.46 -24.14 -2.00
C ALA B 98 3.42 -23.44 -1.12
N LEU B 99 3.88 -22.54 -0.25
CA LEU B 99 2.97 -21.76 0.59
C LEU B 99 2.04 -20.87 -0.24
N LEU B 100 2.56 -20.35 -1.35
CA LEU B 100 1.76 -19.54 -2.25
C LEU B 100 0.70 -20.39 -2.96
N ARG B 101 1.12 -21.56 -3.44
CA ARG B 101 0.20 -22.52 -4.06
C ARG B 101 -0.92 -22.95 -3.10
N GLU B 102 -0.55 -23.29 -1.86
CA GLU B 102 -1.56 -23.64 -0.85
C GLU B 102 -2.47 -22.44 -0.58
N CYS B 103 -1.89 -21.26 -0.50
CA CYS B 103 -2.67 -20.03 -0.35
C CYS B 103 -3.77 -19.90 -1.41
N ALA B 104 -3.38 -19.98 -2.68
CA ALA B 104 -4.31 -19.92 -3.83
C ALA B 104 -5.39 -21.01 -3.81
N SER B 105 -4.99 -22.21 -3.39
CA SER B 105 -5.94 -23.33 -3.25
C SER B 105 -7.05 -22.98 -2.24
N ARG B 106 -6.63 -22.49 -1.08
CA ARG B 106 -7.55 -22.04 -0.04
C ARG B 106 -8.43 -20.87 -0.49
N VAL B 107 -7.85 -20.00 -1.32
CA VAL B 107 -8.57 -18.86 -1.90
C VAL B 107 -9.63 -19.36 -2.88
N ALA B 108 -9.24 -20.31 -3.74
CA ALA B 108 -10.21 -20.99 -4.60
C ALA B 108 -11.33 -21.60 -3.78
N GLN B 109 -10.96 -22.49 -2.85
CA GLN B 109 -11.92 -23.21 -1.99
C GLN B 109 -12.85 -22.27 -1.19
N ALA B 110 -12.45 -21.00 -1.06
CA ALA B 110 -13.32 -20.01 -0.42
C ALA B 110 -14.30 -19.35 -1.40
N GLY B 111 -14.19 -19.71 -2.68
CA GLY B 111 -15.11 -19.24 -3.72
C GLY B 111 -14.56 -18.15 -4.63
N PHE B 112 -13.28 -17.82 -4.45
CA PHE B 112 -12.65 -16.70 -5.17
C PHE B 112 -11.71 -17.10 -6.31
N ALA B 113 -11.84 -16.40 -7.43
CA ALA B 113 -10.92 -16.55 -8.54
C ALA B 113 -10.01 -15.33 -8.51
N ILE B 114 -8.70 -15.54 -8.69
CA ILE B 114 -7.76 -14.41 -8.69
C ILE B 114 -7.86 -13.67 -10.02
N ARG B 115 -8.04 -12.35 -9.95
CA ARG B 115 -8.07 -11.54 -11.16
C ARG B 115 -6.70 -10.96 -11.54
N ASN B 116 -5.98 -10.37 -10.60
CA ASN B 116 -4.61 -9.92 -10.84
C ASN B 116 -3.83 -9.65 -9.56
N VAL B 117 -2.51 -9.52 -9.72
CA VAL B 117 -1.57 -9.19 -8.65
C VAL B 117 -0.60 -8.13 -9.16
N ASP B 118 -0.38 -7.13 -8.32
CA ASP B 118 0.68 -6.17 -8.58
C ASP B 118 1.49 -6.08 -7.30
N SER B 119 2.74 -5.64 -7.43
CA SER B 119 3.64 -5.66 -6.31
C SER B 119 4.81 -4.75 -6.54
N THR B 120 5.54 -4.43 -5.47
CA THR B 120 6.75 -3.61 -5.58
C THR B 120 7.77 -4.24 -4.62
N ILE B 121 8.98 -4.44 -5.10
CA ILE B 121 10.11 -4.79 -4.25
C ILE B 121 10.91 -3.50 -4.01
N ILE B 122 11.19 -3.19 -2.76
CA ILE B 122 11.97 -2.01 -2.48
C ILE B 122 13.35 -2.45 -2.01
N ALA B 123 14.36 -2.25 -2.85
CA ALA B 123 15.71 -2.68 -2.53
C ALA B 123 16.68 -1.70 -3.17
N GLN B 124 17.63 -1.19 -2.38
CA GLN B 124 18.64 -0.28 -2.87
C GLN B 124 19.54 -1.03 -3.85
N ALA B 125 19.87 -2.27 -3.49
CA ALA B 125 20.64 -3.16 -4.36
C ALA B 125 20.24 -4.60 -4.06
N PRO B 126 20.52 -5.55 -4.99
CA PRO B 126 21.15 -5.34 -6.30
C PRO B 126 20.11 -4.97 -7.35
N LYS B 127 20.54 -4.84 -8.61
CA LYS B 127 19.63 -4.51 -9.71
C LYS B 127 18.66 -5.71 -9.90
N LEU B 128 17.36 -5.44 -9.88
CA LEU B 128 16.35 -6.51 -9.97
C LEU B 128 15.67 -6.65 -11.34
N ALA B 129 15.71 -5.59 -12.14
CA ALA B 129 15.14 -5.60 -13.52
C ALA B 129 15.39 -6.91 -14.34
N PRO B 130 16.63 -7.43 -14.35
CA PRO B 130 16.89 -8.65 -15.14
C PRO B 130 16.13 -9.89 -14.67
N HIS B 131 15.59 -9.86 -13.44
CA HIS B 131 15.00 -11.03 -12.80
C HIS B 131 13.47 -10.94 -12.72
N ILE B 132 12.93 -9.81 -13.18
CA ILE B 132 11.50 -9.49 -13.07
C ILE B 132 10.59 -10.47 -13.81
N ASP B 133 10.85 -10.72 -15.09
CA ASP B 133 10.09 -11.72 -15.82
C ASP B 133 10.16 -13.12 -15.20
N ALA B 134 11.32 -13.55 -14.68
CA ALA B 134 11.41 -14.83 -13.95
C ALA B 134 10.50 -14.85 -12.73
N MET B 135 10.48 -13.76 -11.97
CA MET B 135 9.63 -13.68 -10.81
C MET B 135 8.15 -13.74 -11.21
N ARG B 136 7.77 -12.97 -12.24
CA ARG B 136 6.38 -12.93 -12.72
C ARG B 136 5.95 -14.33 -13.14
N ALA B 137 6.85 -15.04 -13.83
CA ALA B 137 6.56 -16.39 -14.31
C ALA B 137 6.33 -17.36 -13.17
N ASN B 138 7.18 -17.32 -12.15
CA ASN B 138 6.99 -18.19 -10.97
C ASN B 138 5.65 -17.91 -10.30
N ILE B 139 5.36 -16.64 -10.03
CA ILE B 139 4.10 -16.25 -9.40
C ILE B 139 2.88 -16.70 -10.24
N ALA B 140 2.88 -16.37 -11.53
CA ALA B 140 1.81 -16.75 -12.45
C ALA B 140 1.55 -18.26 -12.44
N ALA B 141 2.62 -19.05 -12.53
CA ALA B 141 2.54 -20.49 -12.46
C ALA B 141 1.95 -20.95 -11.12
N ASP B 142 2.40 -20.36 -10.02
CA ASP B 142 1.92 -20.75 -8.69
C ASP B 142 0.47 -20.38 -8.46
N LEU B 143 0.00 -19.30 -9.09
CA LEU B 143 -1.40 -18.89 -8.98
C LEU B 143 -2.29 -19.41 -10.12
N ASP B 144 -1.72 -20.08 -11.11
CA ASP B 144 -2.48 -20.51 -12.30
C ASP B 144 -3.09 -19.29 -13.02
N LEU B 145 -2.33 -18.21 -13.11
CA LEU B 145 -2.74 -17.02 -13.87
C LEU B 145 -1.97 -16.93 -15.18
N PRO B 146 -2.60 -16.37 -16.22
CA PRO B 146 -1.85 -15.79 -17.33
C PRO B 146 -0.86 -14.71 -16.84
N LEU B 147 0.32 -14.71 -17.47
CA LEU B 147 1.37 -13.76 -17.17
C LEU B 147 0.90 -12.30 -17.11
N ASP B 148 0.00 -11.91 -18.01
CA ASP B 148 -0.48 -10.53 -18.09
C ASP B 148 -1.42 -10.09 -16.96
N ARG B 149 -1.57 -10.93 -15.93
CA ARG B 149 -2.33 -10.62 -14.71
C ARG B 149 -1.43 -10.56 -13.47
N VAL B 150 -0.13 -10.73 -13.70
CA VAL B 150 0.84 -10.68 -12.61
C VAL B 150 1.84 -9.59 -12.94
N ASN B 151 2.09 -8.68 -12.01
CA ASN B 151 3.10 -7.64 -12.24
C ASN B 151 4.01 -7.50 -11.03
N VAL B 152 5.30 -7.28 -11.29
CA VAL B 152 6.29 -7.01 -10.25
C VAL B 152 7.09 -5.77 -10.63
N LYS B 153 7.19 -4.82 -9.69
CA LYS B 153 7.92 -3.59 -9.92
C LYS B 153 9.07 -3.55 -8.95
N ALA B 154 10.08 -2.74 -9.23
CA ALA B 154 11.23 -2.62 -8.33
C ALA B 154 11.50 -1.14 -8.04
N LYS B 155 11.88 -0.82 -6.80
CA LYS B 155 12.16 0.58 -6.40
C LYS B 155 13.36 0.63 -5.47
N THR B 156 14.15 1.70 -5.53
CA THR B 156 15.13 1.93 -4.46
C THR B 156 14.47 2.77 -3.37
N ASN B 157 15.19 2.96 -2.26
CA ASN B 157 14.69 3.85 -1.22
C ASN B 157 15.42 5.17 -1.15
N GLU B 158 16.08 5.50 -2.27
CA GLU B 158 16.86 6.73 -2.43
C GLU B 158 17.86 6.93 -1.29
N LYS B 159 18.41 5.82 -0.82
CA LYS B 159 19.38 5.82 0.28
C LYS B 159 18.82 6.33 1.62
N LEU B 160 17.49 6.27 1.81
CA LEU B 160 16.89 6.67 3.08
C LEU B 160 16.59 5.46 3.96
N GLY B 161 16.92 5.55 5.24
CA GLY B 161 16.49 4.54 6.22
C GLY B 161 17.22 3.21 6.06
N TYR B 162 16.75 2.19 6.77
CA TYR B 162 17.39 0.87 6.73
C TYR B 162 17.35 0.22 5.33
N LEU B 163 16.34 0.58 4.55
CA LEU B 163 16.22 0.07 3.18
C LEU B 163 17.29 0.70 2.30
N GLY B 164 17.44 2.02 2.43
CA GLY B 164 18.37 2.75 1.61
C GLY B 164 19.81 2.45 1.96
N ARG B 165 20.03 1.94 3.17
CA ARG B 165 21.38 1.60 3.61
C ARG B 165 21.72 0.13 3.28
N GLY B 166 20.78 -0.57 2.62
CA GLY B 166 20.94 -1.98 2.29
C GLY B 166 20.82 -2.91 3.49
N GLU B 167 20.04 -2.54 4.50
CA GLU B 167 19.91 -3.36 5.72
C GLU B 167 18.73 -4.36 5.68
N GLY B 168 17.76 -4.08 4.80
CA GLY B 168 16.66 -4.99 4.56
C GLY B 168 16.06 -4.80 3.18
N ILE B 169 15.10 -5.65 2.84
CA ILE B 169 14.34 -5.47 1.61
C ILE B 169 12.87 -5.58 1.94
N GLU B 170 12.05 -4.69 1.38
CA GLU B 170 10.63 -4.71 1.62
C GLU B 170 9.90 -5.09 0.34
N ALA B 171 8.71 -5.69 0.49
CA ALA B 171 7.79 -5.96 -0.63
C ALA B 171 6.38 -5.52 -0.27
N GLN B 172 5.69 -4.95 -1.26
CA GLN B 172 4.29 -4.56 -1.11
C GLN B 172 3.51 -5.29 -2.19
N ALA B 173 2.28 -5.72 -1.87
CA ALA B 173 1.45 -6.37 -2.88
C ALA B 173 -0.02 -5.96 -2.77
N ALA B 174 -0.67 -5.96 -3.93
CA ALA B 174 -2.13 -5.74 -4.03
C ALA B 174 -2.68 -6.88 -4.85
N ALA B 175 -3.84 -7.40 -4.45
CA ALA B 175 -4.50 -8.50 -5.13
C ALA B 175 -5.97 -8.19 -5.34
N LEU B 176 -6.47 -8.49 -6.52
CA LEU B 176 -7.90 -8.38 -6.80
C LEU B 176 -8.44 -9.77 -7.12
N VAL B 177 -9.57 -10.09 -6.47
CA VAL B 177 -10.23 -11.38 -6.63
C VAL B 177 -11.72 -11.16 -6.86
N VAL B 178 -12.42 -12.22 -7.25
CA VAL B 178 -13.86 -12.16 -7.43
C VAL B 178 -14.50 -13.49 -6.95
N ARG B 179 -15.66 -13.42 -6.31
CA ARG B 179 -16.42 -14.63 -5.91
C ARG B 179 -17.30 -15.13 -7.04
N MET C 22 -20.46 -2.10 -13.34
CA MET C 22 -20.73 -1.32 -12.10
C MET C 22 -19.50 -0.54 -11.61
N ASP C 23 -19.76 0.48 -10.82
CA ASP C 23 -18.83 1.59 -10.64
C ASP C 23 -17.98 1.39 -9.38
N PHE C 24 -17.00 0.52 -9.49
CA PHE C 24 -16.13 0.19 -8.40
C PHE C 24 -15.02 1.25 -8.24
N ARG C 25 -14.54 1.41 -7.00
CA ARG C 25 -13.47 2.35 -6.67
C ARG C 25 -12.63 1.72 -5.59
N ILE C 26 -11.32 1.94 -5.64
CA ILE C 26 -10.43 1.47 -4.56
C ILE C 26 -9.77 2.59 -3.77
N GLY C 27 -9.52 2.34 -2.49
CA GLY C 27 -8.82 3.32 -1.63
C GLY C 27 -7.74 2.61 -0.81
N GLN C 28 -6.77 3.38 -0.33
CA GLN C 28 -5.65 2.84 0.43
C GLN C 28 -5.35 3.81 1.58
N GLY C 29 -4.99 3.28 2.74
CA GLY C 29 -4.84 4.09 3.91
C GLY C 29 -3.54 3.73 4.57
N TYR C 30 -2.94 4.73 5.20
CA TYR C 30 -1.71 4.56 5.97
C TYR C 30 -1.84 5.32 7.28
N ASP C 31 -1.34 4.76 8.36
CA ASP C 31 -1.24 5.54 9.61
C ASP C 31 -0.08 5.00 10.43
N VAL C 32 0.52 5.87 11.24
CA VAL C 32 1.49 5.42 12.23
C VAL C 32 1.31 6.26 13.49
N HIS C 33 1.55 5.66 14.66
CA HIS C 33 1.57 6.40 15.92
C HIS C 33 2.70 5.89 16.80
N GLN C 34 3.21 6.77 17.66
CA GLN C 34 4.26 6.41 18.61
C GLN C 34 3.67 5.64 19.77
N LEU C 35 4.48 4.75 20.31
CA LEU C 35 4.17 4.03 21.52
C LEU C 35 4.75 4.80 22.70
N VAL C 36 3.90 5.09 23.70
CA VAL C 36 4.29 5.95 24.83
C VAL C 36 3.82 5.36 26.16
N PRO C 37 4.53 5.66 27.28
CA PRO C 37 4.12 5.16 28.60
C PRO C 37 2.77 5.71 29.04
N GLY C 38 2.08 4.98 29.92
CA GLY C 38 0.84 5.47 30.53
C GLY C 38 -0.26 5.82 29.54
N ARG C 39 -0.32 5.06 28.46
CA ARG C 39 -1.45 5.12 27.56
C ARG C 39 -1.88 3.67 27.39
N PRO C 40 -3.21 3.42 27.36
CA PRO C 40 -3.68 2.08 26.96
C PRO C 40 -3.34 1.81 25.49
N LEU C 41 -2.97 0.58 25.17
CA LEU C 41 -2.80 0.18 23.77
C LEU C 41 -4.15 -0.20 23.21
N ILE C 42 -4.68 0.63 22.30
CA ILE C 42 -5.97 0.36 21.65
C ILE C 42 -5.83 0.20 20.12
N ILE C 43 -6.09 -1.00 19.62
CA ILE C 43 -5.95 -1.28 18.18
C ILE C 43 -7.19 -2.02 17.69
N GLY C 44 -7.81 -1.49 16.64
CA GLY C 44 -9.08 -2.03 16.10
C GLY C 44 -10.11 -2.10 17.21
N GLY C 45 -10.12 -1.09 18.08
CA GLY C 45 -11.11 -1.01 19.13
C GLY C 45 -10.82 -1.93 20.31
N VAL C 46 -9.74 -2.70 20.21
CA VAL C 46 -9.36 -3.67 21.27
C VAL C 46 -8.26 -3.14 22.18
N THR C 47 -8.57 -3.14 23.48
CA THR C 47 -7.58 -2.84 24.51
C THR C 47 -6.66 -4.05 24.74
N ILE C 48 -5.39 -3.87 24.43
CA ILE C 48 -4.44 -4.95 24.56
C ILE C 48 -3.55 -4.65 25.76
N PRO C 49 -3.40 -5.65 26.66
CA PRO C 49 -2.51 -5.47 27.80
C PRO C 49 -1.12 -5.14 27.30
N TYR C 50 -0.56 -4.03 27.77
CA TYR C 50 0.76 -3.57 27.31
C TYR C 50 1.26 -2.41 28.13
N GLU C 51 2.57 -2.37 28.37
CA GLU C 51 3.23 -1.31 29.16
C GLU C 51 3.05 0.12 28.56
N ARG C 52 2.83 0.19 27.25
CA ARG C 52 2.66 1.46 26.55
C ARG C 52 1.52 1.44 25.57
N GLY C 53 1.06 2.61 25.18
CA GLY C 53 -0.04 2.75 24.22
C GLY C 53 0.23 3.81 23.17
N LEU C 54 -0.74 4.01 22.27
CA LEU C 54 -0.57 4.93 21.14
C LEU C 54 -0.95 6.39 21.46
N LEU C 55 -0.17 7.32 20.89
CA LEU C 55 -0.31 8.74 21.11
C LEU C 55 -1.04 9.41 19.94
N GLY C 56 -2.05 10.24 20.25
CA GLY C 56 -2.81 10.93 19.20
C GLY C 56 -4.16 11.41 19.70
N ASP C 59 -8.24 8.38 20.66
CA ASP C 59 -7.64 7.16 21.23
C ASP C 59 -6.51 6.58 20.35
N ALA C 60 -6.03 7.40 19.42
CA ALA C 60 -4.92 7.04 18.54
C ALA C 60 -5.00 5.62 17.95
N ASP C 61 -6.18 5.19 17.53
CA ASP C 61 -6.34 3.85 16.97
C ASP C 61 -5.80 3.79 15.51
N VAL C 62 -4.53 3.42 15.39
CA VAL C 62 -3.80 3.40 14.12
C VAL C 62 -4.50 2.58 13.04
N LEU C 63 -5.04 1.42 13.43
CA LEU C 63 -5.73 0.55 12.49
C LEU C 63 -7.03 1.21 11.99
N LEU C 64 -7.83 1.76 12.88
CA LEU C 64 -9.10 2.37 12.42
C LEU C 64 -8.86 3.62 11.57
N HIS C 65 -7.82 4.39 11.93
CA HIS C 65 -7.38 5.53 11.15
C HIS C 65 -6.99 5.19 9.70
N ALA C 66 -6.24 4.11 9.52
CA ALA C 66 -5.80 3.68 8.20
C ALA C 66 -7.03 3.30 7.37
N ILE C 67 -7.90 2.50 7.96
CA ILE C 67 -9.16 2.07 7.31
C ILE C 67 -10.03 3.28 6.97
N THR C 68 -10.17 4.23 7.90
CA THR C 68 -10.90 5.48 7.63
C THR C 68 -10.39 6.23 6.36
N ASP C 69 -9.09 6.46 6.30
CA ASP C 69 -8.44 7.07 5.16
C ASP C 69 -8.65 6.25 3.87
N ALA C 70 -8.48 4.92 3.95
CA ALA C 70 -8.75 4.06 2.78
C ALA C 70 -10.18 4.25 2.24
N LEU C 71 -11.14 4.44 3.13
CA LEU C 71 -12.54 4.59 2.72
C LEU C 71 -12.85 5.96 2.13
N PHE C 72 -12.39 7.02 2.80
CA PHE C 72 -12.45 8.38 2.23
C PHE C 72 -11.74 8.44 0.85
N GLY C 73 -10.59 7.79 0.76
CA GLY C 73 -9.84 7.74 -0.49
C GLY C 73 -10.59 7.09 -1.63
N ALA C 74 -11.17 5.93 -1.34
CA ALA C 74 -12.01 5.20 -2.31
C ALA C 74 -13.24 6.00 -2.76
N ALA C 75 -13.88 6.69 -1.81
CA ALA C 75 -15.01 7.55 -2.17
C ALA C 75 -14.55 8.90 -2.69
N ALA C 76 -13.23 9.10 -2.82
CA ALA C 76 -12.70 10.40 -3.24
C ALA C 76 -13.28 11.56 -2.41
N LEU C 77 -13.32 11.37 -1.09
CA LEU C 77 -13.78 12.40 -0.15
C LEU C 77 -12.63 13.10 0.60
N GLY C 78 -11.40 12.96 0.12
CA GLY C 78 -10.23 13.55 0.79
C GLY C 78 -9.56 12.68 1.84
N ASP C 79 -9.40 13.19 3.06
CA ASP C 79 -8.81 12.41 4.15
C ASP C 79 -9.35 12.74 5.56
N ILE C 80 -8.83 12.02 6.54
CA ILE C 80 -9.34 12.06 7.91
C ILE C 80 -9.29 13.50 8.47
N GLY C 81 -8.19 14.21 8.23
CA GLY C 81 -7.97 15.56 8.76
C GLY C 81 -8.76 16.65 8.06
N ARG C 82 -9.30 16.34 6.89
CA ARG C 82 -10.11 17.30 6.14
C ARG C 82 -11.56 17.23 6.64
N HIS C 83 -11.88 16.13 7.34
CA HIS C 83 -13.23 15.86 7.84
C HIS C 83 -13.43 16.15 9.33
N PHE C 84 -12.39 15.93 10.12
CA PHE C 84 -12.53 15.90 11.57
C PHE C 84 -11.67 16.94 12.29
N ASP C 95 -14.02 9.11 20.05
CA ASP C 95 -13.04 8.05 19.87
C ASP C 95 -12.98 7.58 18.42
N SER C 96 -12.05 6.68 18.11
CA SER C 96 -11.80 6.27 16.72
C SER C 96 -12.93 5.50 16.09
N ARG C 97 -13.69 4.80 16.92
CA ARG C 97 -14.81 3.98 16.45
C ARG C 97 -15.96 4.86 15.99
N ALA C 98 -16.22 5.93 16.72
CA ALA C 98 -17.16 6.97 16.37
C ALA C 98 -16.75 7.61 15.02
N LEU C 99 -15.47 7.93 14.88
CA LEU C 99 -14.93 8.49 13.65
C LEU C 99 -15.00 7.51 12.48
N LEU C 100 -14.79 6.22 12.75
CA LEU C 100 -14.94 5.19 11.70
C LEU C 100 -16.41 5.09 11.29
N ARG C 101 -17.31 5.17 12.27
CA ARG C 101 -18.75 5.16 12.00
C ARG C 101 -19.17 6.36 11.16
N GLU C 102 -18.72 7.56 11.52
CA GLU C 102 -18.96 8.79 10.76
C GLU C 102 -18.37 8.76 9.33
N CYS C 103 -17.13 8.30 9.19
CA CYS C 103 -16.56 8.00 7.87
C CYS C 103 -17.55 7.15 7.03
N ALA C 104 -18.02 6.04 7.60
CA ALA C 104 -18.98 5.15 6.90
C ALA C 104 -20.25 5.89 6.48
N SER C 105 -20.77 6.74 7.38
CA SER C 105 -21.89 7.62 7.08
C SER C 105 -21.61 8.50 5.85
N ARG C 106 -20.43 9.10 5.83
CA ARG C 106 -20.09 10.01 4.72
C ARG C 106 -19.87 9.28 3.41
N VAL C 107 -19.34 8.06 3.51
CA VAL C 107 -19.16 7.24 2.34
C VAL C 107 -20.52 6.90 1.69
N ALA C 108 -21.50 6.58 2.53
CA ALA C 108 -22.83 6.24 2.06
C ALA C 108 -23.51 7.48 1.48
N GLN C 109 -23.22 8.64 2.10
CA GLN C 109 -23.78 9.94 1.70
C GLN C 109 -23.31 10.38 0.29
N ALA C 110 -22.11 9.98 -0.07
CA ALA C 110 -21.56 10.17 -1.42
C ALA C 110 -22.11 9.10 -2.38
N GLY C 111 -22.81 8.12 -1.81
CA GLY C 111 -23.56 7.10 -2.57
C GLY C 111 -22.81 5.81 -2.86
N PHE C 112 -21.81 5.48 -2.03
CA PHE C 112 -21.03 4.27 -2.22
C PHE C 112 -21.42 3.23 -1.18
N ALA C 113 -21.39 1.95 -1.55
CA ALA C 113 -21.51 0.88 -0.57
C ALA C 113 -20.14 0.25 -0.38
N ILE C 114 -19.85 -0.23 0.83
CA ILE C 114 -18.52 -0.78 1.09
C ILE C 114 -18.57 -2.25 0.71
N ARG C 115 -17.62 -2.68 -0.13
CA ARG C 115 -17.61 -4.09 -0.52
C ARG C 115 -16.69 -4.92 0.40
N ASN C 116 -15.46 -4.46 0.61
CA ASN C 116 -14.56 -5.13 1.54
C ASN C 116 -13.48 -4.23 2.09
N VAL C 117 -12.86 -4.68 3.18
CA VAL C 117 -11.73 -3.94 3.78
C VAL C 117 -10.67 -4.96 4.11
N ASP C 118 -9.42 -4.65 3.79
CA ASP C 118 -8.30 -5.50 4.19
C ASP C 118 -7.27 -4.61 4.83
N SER C 119 -6.42 -5.16 5.72
CA SER C 119 -5.53 -4.28 6.46
C SER C 119 -4.41 -5.08 7.11
N THR C 120 -3.33 -4.38 7.41
CA THR C 120 -2.15 -4.94 8.11
C THR C 120 -1.70 -4.02 9.25
N ILE C 121 -1.45 -4.60 10.41
CA ILE C 121 -0.84 -3.87 11.51
C ILE C 121 0.63 -4.28 11.57
N ILE C 122 1.53 -3.30 11.67
CA ILE C 122 2.93 -3.62 11.80
C ILE C 122 3.34 -3.19 13.19
N ALA C 123 3.64 -4.21 14.01
CA ALA C 123 4.03 -4.03 15.40
C ALA C 123 4.98 -5.16 15.76
N GLN C 124 6.12 -4.76 16.29
CA GLN C 124 7.11 -5.68 16.80
C GLN C 124 6.54 -6.40 18.03
N ALA C 125 5.84 -5.64 18.87
CA ALA C 125 5.19 -6.20 20.05
C ALA C 125 3.96 -5.36 20.39
N PRO C 126 3.01 -5.94 21.14
CA PRO C 126 2.97 -7.31 21.64
C PRO C 126 2.39 -8.26 20.60
N LYS C 127 2.19 -9.52 20.97
CA LYS C 127 1.47 -10.47 20.12
C LYS C 127 0.03 -9.98 19.89
N LEU C 128 -0.37 -9.84 18.63
CA LEU C 128 -1.70 -9.35 18.30
C LEU C 128 -2.70 -10.43 17.88
N ALA C 129 -2.16 -11.59 17.48
CA ALA C 129 -2.94 -12.72 16.97
C ALA C 129 -4.26 -13.06 17.70
N PRO C 130 -4.24 -13.13 19.06
CA PRO C 130 -5.48 -13.54 19.73
C PRO C 130 -6.52 -12.42 19.86
N HIS C 131 -6.18 -11.21 19.38
CA HIS C 131 -7.10 -10.06 19.43
C HIS C 131 -7.65 -9.74 18.04
N ILE C 132 -7.04 -10.34 17.01
CA ILE C 132 -7.35 -9.99 15.64
C ILE C 132 -8.83 -10.21 15.27
N ASP C 133 -9.38 -11.34 15.70
CA ASP C 133 -10.79 -11.64 15.42
C ASP C 133 -11.74 -10.62 16.03
N ALA C 134 -11.47 -10.20 17.27
CA ALA C 134 -12.24 -9.13 17.91
C ALA C 134 -12.10 -7.76 17.18
N MET C 135 -10.92 -7.44 16.66
CA MET C 135 -10.74 -6.27 15.82
C MET C 135 -11.64 -6.32 14.60
N ARG C 136 -11.61 -7.47 13.92
CA ARG C 136 -12.45 -7.69 12.74
C ARG C 136 -13.91 -7.52 13.08
N ALA C 137 -14.30 -8.08 14.22
CA ALA C 137 -15.68 -7.99 14.68
C ALA C 137 -16.04 -6.53 14.98
N ASN C 138 -15.15 -5.80 15.64
CA ASN C 138 -15.34 -4.37 15.91
C ASN C 138 -15.54 -3.59 14.59
N ILE C 139 -14.61 -3.78 13.67
CA ILE C 139 -14.66 -3.14 12.34
C ILE C 139 -15.92 -3.49 11.54
N ALA C 140 -16.26 -4.78 11.46
CA ALA C 140 -17.45 -5.22 10.73
C ALA C 140 -18.72 -4.58 11.29
N ALA C 141 -18.80 -4.46 12.62
CA ALA C 141 -19.95 -3.84 13.26
C ALA C 141 -20.01 -2.36 12.90
N ASP C 142 -18.87 -1.67 12.98
CA ASP C 142 -18.80 -0.23 12.73
C ASP C 142 -19.10 0.12 11.28
N LEU C 143 -18.73 -0.76 10.36
CA LEU C 143 -19.00 -0.54 8.94
C LEU C 143 -20.30 -1.21 8.46
N ASP C 144 -21.01 -1.85 9.38
CA ASP C 144 -22.22 -2.64 9.05
C ASP C 144 -21.93 -3.58 7.87
N LEU C 145 -20.86 -4.36 8.02
CA LEU C 145 -20.42 -5.35 7.05
C LEU C 145 -20.47 -6.73 7.67
N PRO C 146 -20.75 -7.76 6.84
CA PRO C 146 -20.58 -9.10 7.37
C PRO C 146 -19.10 -9.43 7.63
N LEU C 147 -18.86 -10.38 8.52
CA LEU C 147 -17.52 -10.70 8.99
C LEU C 147 -16.58 -11.09 7.85
N ASP C 148 -17.11 -11.85 6.88
CA ASP C 148 -16.29 -12.31 5.76
C ASP C 148 -15.91 -11.22 4.75
N ARG C 149 -16.30 -9.97 5.00
CA ARG C 149 -15.85 -8.87 4.14
C ARG C 149 -14.87 -7.93 4.83
N VAL C 150 -14.32 -8.37 5.96
CA VAL C 150 -13.42 -7.53 6.76
C VAL C 150 -12.23 -8.39 7.16
N ASN C 151 -11.03 -7.92 6.87
CA ASN C 151 -9.84 -8.67 7.23
C ASN C 151 -8.81 -7.79 7.92
N VAL C 152 -8.13 -8.38 8.90
CA VAL C 152 -7.04 -7.73 9.61
C VAL C 152 -5.86 -8.70 9.71
N LYS C 153 -4.68 -8.20 9.36
CA LYS C 153 -3.47 -9.04 9.37
C LYS C 153 -2.42 -8.36 10.22
N ALA C 154 -1.47 -9.14 10.73
CA ALA C 154 -0.43 -8.59 11.57
C ALA C 154 0.97 -9.02 11.14
N LYS C 155 1.93 -8.11 11.22
CA LYS C 155 3.34 -8.37 10.88
C LYS C 155 4.24 -7.72 11.89
N THR C 156 5.41 -8.32 12.15
CA THR C 156 6.50 -7.59 12.81
C THR C 156 7.27 -6.80 11.75
N ASN C 157 8.20 -5.96 12.18
CA ASN C 157 9.10 -5.33 11.21
C ASN C 157 10.51 -5.91 11.23
N GLU C 158 10.60 -7.15 11.69
CA GLU C 158 11.87 -7.89 11.72
C GLU C 158 13.00 -7.11 12.40
N LYS C 159 12.63 -6.39 13.47
CA LYS C 159 13.56 -5.59 14.26
C LYS C 159 14.22 -4.43 13.51
N LEU C 160 13.68 -4.08 12.34
CA LEU C 160 14.22 -2.98 11.56
C LEU C 160 13.48 -1.67 11.83
N GLY C 161 14.22 -0.56 11.90
CA GLY C 161 13.62 0.79 11.95
C GLY C 161 12.90 1.13 13.25
N TYR C 162 12.16 2.24 13.26
CA TYR C 162 11.45 2.63 14.50
C TYR C 162 10.36 1.59 14.86
N LEU C 163 9.79 0.96 13.84
CA LEU C 163 8.82 -0.12 14.06
C LEU C 163 9.49 -1.31 14.78
N GLY C 164 10.66 -1.73 14.29
CA GLY C 164 11.35 -2.88 14.85
C GLY C 164 11.87 -2.64 16.25
N ARG C 165 12.11 -1.38 16.58
CA ARG C 165 12.59 -1.00 17.90
C ARG C 165 11.43 -0.77 18.88
N GLY C 166 10.20 -0.86 18.38
CA GLY C 166 9.03 -0.74 19.25
C GLY C 166 8.71 0.69 19.62
N GLU C 167 9.01 1.61 18.71
CA GLU C 167 8.79 3.03 18.97
C GLU C 167 7.47 3.53 18.42
N GLY C 168 6.92 2.80 17.45
CA GLY C 168 5.64 3.11 16.90
C GLY C 168 4.98 1.83 16.39
N ILE C 169 3.74 1.98 15.96
CA ILE C 169 2.98 0.91 15.29
C ILE C 169 2.35 1.53 14.03
N GLU C 170 2.43 0.80 12.92
CA GLU C 170 1.94 1.29 11.67
C GLU C 170 0.73 0.45 11.29
N ALA C 171 -0.23 1.04 10.55
CA ALA C 171 -1.29 0.25 9.90
C ALA C 171 -1.40 0.64 8.42
N GLN C 172 -1.75 -0.32 7.58
CA GLN C 172 -2.03 -0.09 6.16
C GLN C 172 -3.42 -0.62 5.88
N ALA C 173 -4.16 0.02 4.99
CA ALA C 173 -5.46 -0.54 4.64
C ALA C 173 -5.80 -0.37 3.18
N ALA C 174 -6.66 -1.25 2.71
CA ALA C 174 -7.18 -1.17 1.37
C ALA C 174 -8.67 -1.38 1.48
N ALA C 175 -9.43 -0.63 0.67
CA ALA C 175 -10.88 -0.68 0.67
C ALA C 175 -11.43 -0.68 -0.76
N LEU C 176 -12.42 -1.54 -0.99
CA LEU C 176 -13.15 -1.51 -2.24
C LEU C 176 -14.57 -1.09 -1.97
N VAL C 177 -15.03 -0.11 -2.75
CA VAL C 177 -16.40 0.36 -2.67
C VAL C 177 -17.03 0.31 -4.06
N VAL C 178 -18.35 0.43 -4.11
CA VAL C 178 -19.10 0.52 -5.37
C VAL C 178 -20.13 1.65 -5.26
N ARG C 179 -20.20 2.49 -6.28
CA ARG C 179 -21.23 3.51 -6.34
C ARG C 179 -22.55 2.87 -6.78
N GLU C 180 -23.44 2.68 -5.81
CA GLU C 180 -24.69 1.97 -5.99
C GLU C 180 -25.81 2.96 -6.35
ZN ZN D . 10.36 9.15 -7.88
N1 829 E . 15.29 -1.05 -10.29
C2 829 E . 16.00 -2.21 -10.29
O2 829 E . 16.25 -2.85 -11.33
N3 829 E . 16.46 -2.76 -9.12
C4 829 E . 16.27 -2.14 -7.94
N4 829 E . 16.77 -2.69 -6.80
C5 829 E . 15.57 -0.95 -7.91
C6 829 E . 15.09 -0.42 -9.10
C07 829 E . 14.04 3.97 -8.97
C08 829 E . 12.52 5.84 -9.91
C09 829 E . 11.77 7.01 -9.69
C1' 829 E . 14.78 -0.41 -11.54
N10 829 E . 11.69 7.58 -8.47
C11 829 E . 12.35 7.04 -7.41
C12 829 E . 13.11 5.87 -7.56
C13 829 E . 13.21 5.24 -8.83
O15 829 E . 13.94 3.14 -8.07
C2' 829 E . 13.26 -0.12 -11.57
O2' 829 E . 12.80 -0.24 -12.92
C3' 829 E . 13.17 1.34 -11.14
O3' 829 E . 12.00 2.04 -11.58
C4' 829 E . 14.40 1.93 -11.80
O4' 829 E . 15.41 0.88 -11.64
C5' 829 E . 14.67 3.39 -11.37
N5' 829 E . 14.91 3.71 -9.97
K K F . 6.64 1.87 4.72
ZN ZN G . 8.46 -12.75 5.02
N1 829 H . 1.77 -11.79 14.49
C2 829 H . 1.19 -11.51 15.70
O2 829 H . 0.39 -12.29 16.24
N3 829 H . 1.44 -10.35 16.37
C4 829 H . 2.29 -9.42 15.87
N4 829 H . 2.54 -8.26 16.55
C5 829 H . 2.91 -9.66 14.65
C6 829 H . 2.64 -10.87 14.00
C07 829 H . 5.55 -12.24 10.72
C08 829 H . 6.09 -13.42 8.53
C09 829 H . 6.88 -13.53 7.37
C1' 829 H . 1.55 -13.08 13.75
N10 829 H . 7.91 -12.69 7.16
C11 829 H . 8.23 -11.72 8.05
C12 829 H . 7.47 -11.56 9.22
C13 829 H . 6.39 -12.43 9.47
O15 829 H . 5.12 -11.12 10.94
C2' 829 H . 0.86 -13.00 12.37
O2' 829 H . 0.03 -14.16 12.13
C3' 829 H . 2.04 -13.04 11.39
O3' 829 H . 1.71 -13.44 10.04
C4' 829 H . 2.91 -14.07 12.08
O4' 829 H . 2.84 -13.71 13.49
C5' 829 H . 4.29 -14.27 11.40
N5' 829 H . 5.31 -13.25 11.58
ZN ZN I . -3.84 8.06 13.45
N1 829 J . -1.80 17.36 6.58
C2 829 J . -1.28 18.45 5.95
O2 829 J . -1.98 19.43 5.62
N3 829 J . 0.05 18.52 5.62
C4 829 J . 0.91 17.53 5.92
N4 829 J . 2.22 17.62 5.58
C5 829 J . 0.42 16.41 6.58
C6 829 J . -0.94 16.37 6.91
C07 829 J . -1.95 13.55 10.38
C08 829 J . -3.92 12.23 11.43
C09 829 J . -4.38 11.09 12.11
C1' 829 J . -3.24 17.27 6.99
N10 829 J . -3.53 10.10 12.47
C11 829 J . -2.22 10.20 12.18
C12 829 J . -1.69 11.31 11.51
C13 829 J . -2.55 12.36 11.13
O15 829 J . -1.03 13.30 9.61
C2' 829 J . -4.00 16.00 6.56
O2' 829 J . -5.38 16.25 6.25
C3' 829 J . -3.96 15.08 7.78
O3' 829 J . -5.04 14.13 7.86
C4' 829 J . -4.00 16.08 8.92
O4' 829 J . -3.28 17.25 8.43
C5' 829 J . -3.63 15.47 10.30
N5' 829 J . -2.32 14.84 10.51
#